data_4WNR
#
_entry.id   4WNR
#
_cell.length_a   109.360
_cell.length_b   109.360
_cell.length_c   223.100
_cell.angle_alpha   90.00
_cell.angle_beta   90.00
_cell.angle_gamma   120.00
#
_symmetry.space_group_name_H-M   'P 61 2 2'
#
loop_
_entity.id
_entity.type
_entity.pdbx_description
1 polymer 'Leucine-rich-repeat protein'
2 non-polymer "GUANOSINE-5'-DIPHOSPHATE"
3 non-polymer 'MAGNESIUM ION'
4 non-polymer GLYCEROL
5 non-polymer 'SULFATE ION'
6 water water
#
_entity_poly.entity_id   1
_entity_poly.type   'polypeptide(L)'
_entity_poly.pdbx_seq_one_letter_code
;GAMGGSGNPLEKPPIEIVKQGREAVINYFKSLEGEKKPLNEVKVLLVGDGEAGKTSLLKRLLGEGFDGNEHQTQGINIKK
WGFKDKDKEIKVNFWDFGGQEIMHATHQFFLSKRSLYILVLDSRRDEKAEYWLKHIRSFGGDSPVLVALNKIDENPSFEL
NRKFLQEKYPSIKGFFRISCKEDRGIEGFSQKLKKELLKVEHMQIEWAKSWFEVKTKLEKMSCNFITYEEYRNICLEENV
GDKSSQNTLVDFLNDLGVIVHFKDISLLDTHVLEPKWITEGVYKIINSEILAKKKGVLRFSMLDEILEQKKEGDYYYPPE
RYGYIINLMKKFELCYSIDEETVLLPDLL
;
_entity_poly.pdbx_strand_id   A
#
# COMPACT_ATOMS: atom_id res chain seq x y z
N ASN A 27 21.39 -4.84 -36.36
CA ASN A 27 20.98 -4.54 -34.96
C ASN A 27 22.11 -3.94 -34.12
N TYR A 28 23.30 -4.54 -34.22
CA TYR A 28 24.47 -4.13 -33.42
C TYR A 28 24.78 -2.63 -33.50
N PHE A 29 24.61 -2.04 -34.68
CA PHE A 29 24.90 -0.61 -34.90
C PHE A 29 23.96 0.29 -34.10
N LYS A 30 22.67 -0.03 -34.13
CA LYS A 30 21.64 0.76 -33.45
C LYS A 30 20.99 -0.03 -32.32
N SER A 31 21.81 -0.52 -31.40
CA SER A 31 21.33 -1.22 -30.20
C SER A 31 22.20 -0.88 -28.99
N LEU A 32 22.55 0.40 -28.85
CA LEU A 32 23.36 0.89 -27.74
C LEU A 32 22.49 1.65 -26.76
N GLU A 33 21.83 2.70 -27.26
CA GLU A 33 20.92 3.52 -26.45
C GLU A 33 19.49 2.99 -26.57
N GLY A 34 18.51 3.80 -26.15
CA GLY A 34 17.10 3.44 -26.27
C GLY A 34 16.16 4.62 -26.15
N GLU A 35 15.00 4.50 -26.79
CA GLU A 35 13.96 5.53 -26.71
C GLU A 35 13.26 5.45 -25.34
N LYS A 36 13.09 6.60 -24.71
CA LYS A 36 12.57 6.67 -23.34
C LYS A 36 11.17 7.29 -23.27
N LYS A 37 10.18 6.45 -22.94
CA LYS A 37 8.80 6.91 -22.71
C LYS A 37 8.61 7.33 -21.25
N PRO A 38 7.61 8.20 -20.99
CA PRO A 38 7.34 8.63 -19.62
C PRO A 38 6.61 7.56 -18.81
N LEU A 39 6.81 7.56 -17.49
CA LEU A 39 6.23 6.56 -16.60
C LEU A 39 4.73 6.80 -16.40
N ASN A 40 4.38 7.96 -15.87
CA ASN A 40 3.00 8.37 -15.65
C ASN A 40 2.16 7.36 -14.85
N GLU A 41 2.73 6.91 -13.74
CA GLU A 41 2.03 6.02 -12.81
C GLU A 41 2.24 6.44 -11.37
N VAL A 42 1.18 6.38 -10.57
CA VAL A 42 1.23 6.73 -9.15
C VAL A 42 0.37 5.76 -8.34
N LYS A 43 0.86 5.39 -7.16
CA LYS A 43 0.07 4.63 -6.21
C LYS A 43 -0.67 5.60 -5.30
N VAL A 44 -2.00 5.44 -5.21
CA VAL A 44 -2.83 6.27 -4.35
C VAL A 44 -3.29 5.42 -3.16
N LEU A 45 -3.00 5.89 -1.96
CA LEU A 45 -3.28 5.15 -0.73
C LEU A 45 -4.43 5.75 0.05
N LEU A 46 -5.56 5.05 0.09
CA LEU A 46 -6.71 5.44 0.91
C LEU A 46 -6.41 5.05 2.35
N VAL A 47 -6.23 6.03 3.22
CA VAL A 47 -5.92 5.77 4.63
C VAL A 47 -6.85 6.54 5.57
N GLY A 48 -6.95 6.05 6.80
CA GLY A 48 -7.89 6.59 7.79
C GLY A 48 -8.50 5.47 8.60
N ASP A 49 -9.24 5.84 9.65
CA ASP A 49 -9.87 4.86 10.55
C ASP A 49 -10.91 4.01 9.83
N GLY A 50 -11.20 2.85 10.41
CA GLY A 50 -12.23 1.96 9.88
C GLY A 50 -13.60 2.60 9.96
N GLU A 51 -14.45 2.31 8.97
CA GLU A 51 -15.78 2.89 8.86
C GLU A 51 -15.76 4.43 8.85
N ALA A 52 -14.81 4.99 8.10
CA ALA A 52 -14.67 6.44 7.96
C ALA A 52 -15.22 6.94 6.63
N GLY A 53 -15.00 6.17 5.56
CA GLY A 53 -15.45 6.53 4.21
C GLY A 53 -14.49 6.22 3.07
N LYS A 54 -13.52 5.32 3.31
CA LYS A 54 -12.45 5.07 2.35
C LYS A 54 -12.94 4.30 1.13
N THR A 55 -13.63 3.19 1.38
CA THR A 55 -14.19 2.36 0.31
C THR A 55 -15.30 3.10 -0.44
N SER A 56 -16.09 3.90 0.29
CA SER A 56 -17.18 4.69 -0.30
C SER A 56 -16.64 5.79 -1.21
N LEU A 57 -15.62 6.50 -0.74
CA LEU A 57 -15.00 7.57 -1.52
C LEU A 57 -14.38 7.04 -2.81
N LEU A 58 -13.75 5.87 -2.72
CA LEU A 58 -13.17 5.22 -3.89
C LEU A 58 -14.22 4.90 -4.95
N LYS A 59 -15.38 4.43 -4.51
CA LYS A 59 -16.50 4.13 -5.41
C LYS A 59 -16.98 5.39 -6.14
N ARG A 60 -17.03 6.51 -5.41
CA ARG A 60 -17.46 7.77 -5.99
C ARG A 60 -16.46 8.33 -7.00
N LEU A 61 -15.18 8.10 -6.78
CA LEU A 61 -14.13 8.52 -7.72
C LEU A 61 -14.23 7.74 -9.03
N LEU A 62 -14.57 6.46 -8.95
CA LEU A 62 -14.72 5.59 -10.12
C LEU A 62 -16.14 5.62 -10.70
N GLY A 63 -17.06 6.30 -10.03
CA GLY A 63 -18.43 6.46 -10.49
C GLY A 63 -19.26 5.19 -10.34
N GLU A 64 -19.13 4.54 -9.18
CA GLU A 64 -19.84 3.30 -8.88
C GLU A 64 -21.02 3.49 -7.93
N GLY A 65 -21.24 4.72 -7.49
CA GLY A 65 -22.42 5.06 -6.68
C GLY A 65 -22.27 4.80 -5.20
N PHE A 66 -23.41 4.63 -4.54
CA PHE A 66 -23.46 4.43 -3.09
C PHE A 66 -24.74 3.67 -2.72
N ASP A 67 -24.58 2.51 -2.09
CA ASP A 67 -25.72 1.65 -1.75
C ASP A 67 -25.91 1.42 -0.24
N GLY A 68 -24.97 1.90 0.58
CA GLY A 68 -25.05 1.75 2.03
C GLY A 68 -24.44 0.45 2.57
N ASN A 69 -24.15 -0.50 1.68
CA ASN A 69 -23.62 -1.81 2.07
C ASN A 69 -22.19 -2.02 1.60
N GLU A 70 -21.37 -0.98 1.68
CA GLU A 70 -19.96 -1.06 1.28
C GLU A 70 -19.05 -1.44 2.45
N HIS A 71 -19.63 -1.51 3.65
CA HIS A 71 -18.95 -2.08 4.82
C HIS A 71 -18.77 -3.60 4.68
N GLN A 72 -19.58 -4.22 3.82
CA GLN A 72 -19.46 -5.64 3.52
C GLN A 72 -18.19 -5.96 2.74
N THR A 73 -17.72 -5.00 1.94
CA THR A 73 -16.45 -5.13 1.21
C THR A 73 -15.28 -4.87 2.14
N GLN A 74 -14.45 -5.89 2.34
CA GLN A 74 -13.28 -5.80 3.21
C GLN A 74 -12.06 -6.46 2.57
N GLY A 75 -10.91 -6.36 3.23
CA GLY A 75 -9.66 -6.91 2.74
C GLY A 75 -8.91 -5.92 1.85
N ILE A 76 -7.83 -6.39 1.23
CA ILE A 76 -7.04 -5.58 0.32
C ILE A 76 -7.73 -5.52 -1.04
N ASN A 77 -8.10 -4.32 -1.45
CA ASN A 77 -8.70 -4.08 -2.76
C ASN A 77 -7.89 -3.03 -3.54
N ILE A 78 -7.36 -3.45 -4.70
CA ILE A 78 -6.57 -2.57 -5.55
C ILE A 78 -7.29 -2.34 -6.87
N LYS A 79 -7.81 -1.12 -7.06
CA LYS A 79 -8.49 -0.72 -8.30
C LYS A 79 -7.54 0.10 -9.18
N LYS A 80 -7.45 -0.29 -10.44
CA LYS A 80 -6.62 0.42 -11.42
C LYS A 80 -7.46 1.43 -12.20
N TRP A 81 -7.09 2.70 -12.09
CA TRP A 81 -7.84 3.81 -12.68
C TRP A 81 -6.95 4.61 -13.62
N GLY A 82 -7.56 5.34 -14.55
CA GLY A 82 -6.82 6.20 -15.47
C GLY A 82 -7.64 7.33 -16.04
N PHE A 83 -6.95 8.39 -16.45
CA PHE A 83 -7.57 9.53 -17.12
C PHE A 83 -6.57 10.18 -18.08
N LYS A 84 -7.10 10.84 -19.10
CA LYS A 84 -6.25 11.45 -20.14
C LYS A 84 -6.18 12.96 -19.96
N ASP A 85 -5.01 13.47 -19.60
CA ASP A 85 -4.75 14.91 -19.56
C ASP A 85 -4.01 15.29 -20.82
N LYS A 86 -4.69 16.01 -21.71
CA LYS A 86 -4.11 16.37 -23.01
C LYS A 86 -3.65 15.09 -23.70
N ASP A 87 -2.39 15.06 -24.15
CA ASP A 87 -1.85 13.85 -24.77
C ASP A 87 -1.61 12.73 -23.76
N LYS A 88 -1.09 13.09 -22.59
CA LYS A 88 -0.60 12.12 -21.61
C LYS A 88 -1.69 11.20 -21.07
N GLU A 89 -1.42 9.90 -21.09
CA GLU A 89 -2.30 8.89 -20.52
C GLU A 89 -1.88 8.63 -19.07
N ILE A 90 -2.66 9.15 -18.13
CA ILE A 90 -2.35 9.01 -16.70
C ILE A 90 -2.89 7.69 -16.18
N LYS A 91 -2.08 7.00 -15.39
CA LYS A 91 -2.44 5.69 -14.81
C LYS A 91 -2.33 5.76 -13.28
N VAL A 92 -3.39 5.32 -12.60
CA VAL A 92 -3.48 5.42 -11.15
C VAL A 92 -3.81 4.07 -10.53
N ASN A 93 -3.11 3.75 -9.44
CA ASN A 93 -3.34 2.52 -8.69
C ASN A 93 -3.88 2.84 -7.29
N PHE A 94 -5.20 2.69 -7.12
CA PHE A 94 -5.84 2.94 -5.83
C PHE A 94 -5.69 1.73 -4.91
N TRP A 95 -5.15 1.95 -3.72
CA TRP A 95 -5.02 0.91 -2.71
C TRP A 95 -6.01 1.16 -1.57
N ASP A 96 -6.90 0.19 -1.34
CA ASP A 96 -7.94 0.29 -0.32
C ASP A 96 -7.72 -0.78 0.75
N PHE A 97 -7.51 -0.34 1.99
CA PHE A 97 -7.23 -1.23 3.12
C PHE A 97 -8.49 -1.47 3.95
N GLY A 98 -8.80 -2.74 4.19
CA GLY A 98 -9.99 -3.12 4.94
C GLY A 98 -9.90 -2.93 6.44
N GLY A 99 -10.94 -3.35 7.14
CA GLY A 99 -11.03 -3.20 8.60
C GLY A 99 -9.98 -3.97 9.37
N GLN A 100 -9.65 -5.17 8.89
CA GLN A 100 -8.57 -5.97 9.48
C GLN A 100 -7.19 -5.33 9.31
N GLU A 101 -7.00 -4.63 8.19
CA GLU A 101 -5.71 -4.01 7.88
C GLU A 101 -5.39 -2.84 8.81
N ILE A 102 -6.38 -2.00 9.07
CA ILE A 102 -6.20 -0.84 9.96
C ILE A 102 -6.15 -1.28 11.42
N MET A 103 -6.96 -2.27 11.78
CA MET A 103 -7.02 -2.79 13.15
C MET A 103 -5.70 -3.43 13.56
N HIS A 104 -5.22 -4.37 12.75
CA HIS A 104 -3.96 -5.06 13.01
C HIS A 104 -2.72 -4.30 12.53
N ALA A 105 -2.95 -3.18 11.83
CA ALA A 105 -1.88 -2.30 11.35
C ALA A 105 -0.99 -2.95 10.28
N THR A 106 -1.55 -3.87 9.50
CA THR A 106 -0.81 -4.52 8.41
C THR A 106 -0.75 -3.65 7.15
N HIS A 107 -1.52 -2.57 7.13
CA HIS A 107 -1.46 -1.59 6.05
C HIS A 107 -0.09 -0.89 5.98
N GLN A 108 0.61 -0.85 7.11
CA GLN A 108 1.96 -0.29 7.19
C GLN A 108 2.95 -0.90 6.21
N PHE A 109 2.74 -2.16 5.83
CA PHE A 109 3.64 -2.87 4.91
C PHE A 109 3.61 -2.23 3.51
N PHE A 110 2.48 -1.61 3.16
CA PHE A 110 2.24 -1.13 1.80
C PHE A 110 2.29 0.40 1.67
N LEU A 111 2.54 1.10 2.77
CA LEU A 111 2.74 2.54 2.73
C LEU A 111 4.14 2.83 2.20
N SER A 112 4.24 3.70 1.20
CA SER A 112 5.51 3.95 0.51
C SER A 112 5.69 5.40 0.10
N LYS A 113 6.93 5.75 -0.22
CA LYS A 113 7.28 7.10 -0.69
C LYS A 113 6.95 7.23 -2.18
N ARG A 114 7.10 8.45 -2.70
CA ARG A 114 6.82 8.76 -4.10
C ARG A 114 5.43 8.26 -4.50
N SER A 115 4.45 8.59 -3.66
CA SER A 115 3.07 8.16 -3.84
C SER A 115 2.13 9.35 -3.57
N LEU A 116 0.83 9.08 -3.50
CA LEU A 116 -0.15 10.08 -3.08
C LEU A 116 -1.07 9.49 -2.02
N TYR A 117 -1.41 10.28 -1.02
CA TYR A 117 -2.23 9.83 0.10
C TYR A 117 -3.57 10.56 0.15
N ILE A 118 -4.63 9.81 0.42
CA ILE A 118 -5.96 10.37 0.66
C ILE A 118 -6.38 10.01 2.08
N LEU A 119 -6.36 11.00 2.97
CA LEU A 119 -6.76 10.81 4.36
C LEU A 119 -8.25 11.06 4.54
N VAL A 120 -9.00 10.01 4.83
CA VAL A 120 -10.45 10.11 5.04
C VAL A 120 -10.76 10.20 6.53
N LEU A 121 -11.57 11.19 6.90
CA LEU A 121 -11.92 11.44 8.30
C LEU A 121 -13.44 11.54 8.47
N ASP A 122 -13.89 11.49 9.73
CA ASP A 122 -15.29 11.72 10.07
C ASP A 122 -15.43 12.30 11.48
N SER A 123 -16.63 12.77 11.80
CA SER A 123 -16.88 13.50 13.05
C SER A 123 -16.82 12.61 14.30
N ARG A 124 -17.50 11.47 14.25
CA ARG A 124 -17.64 10.59 15.43
C ARG A 124 -16.34 10.41 16.21
N ARG A 125 -15.26 10.14 15.49
CA ARG A 125 -13.93 10.06 16.11
C ARG A 125 -13.32 11.46 16.18
N ASP A 126 -13.35 12.04 17.38
CA ASP A 126 -12.99 13.44 17.58
C ASP A 126 -11.47 13.66 17.51
N GLU A 127 -11.03 14.37 16.47
CA GLU A 127 -9.63 14.74 16.28
C GLU A 127 -8.66 13.55 16.32
N LYS A 128 -8.69 12.76 15.25
CA LYS A 128 -7.72 11.69 15.03
C LYS A 128 -6.88 12.00 13.78
N ALA A 129 -6.98 13.23 13.29
CA ALA A 129 -6.34 13.63 12.03
C ALA A 129 -4.83 13.76 12.18
N GLU A 130 -4.39 14.44 13.24
CA GLU A 130 -2.98 14.68 13.48
C GLU A 130 -2.20 13.40 13.78
N TYR A 131 -2.88 12.39 14.29
CA TYR A 131 -2.31 11.04 14.44
C TYR A 131 -1.97 10.46 13.08
N TRP A 132 -2.89 10.56 12.13
CA TRP A 132 -2.70 10.03 10.77
C TRP A 132 -1.69 10.85 9.95
N LEU A 133 -1.61 12.14 10.20
CA LEU A 133 -0.68 13.01 9.47
C LEU A 133 0.77 12.73 9.86
N LYS A 134 1.02 12.49 11.13
CA LYS A 134 2.35 12.06 11.60
C LYS A 134 2.70 10.68 11.04
N HIS A 135 1.68 9.83 10.93
CA HIS A 135 1.84 8.47 10.42
C HIS A 135 2.23 8.49 8.95
N ILE A 136 1.52 9.28 8.16
CA ILE A 136 1.79 9.43 6.72
C ILE A 136 3.14 10.09 6.48
N ARG A 137 3.51 11.01 7.36
CA ARG A 137 4.79 11.72 7.25
C ARG A 137 5.98 10.77 7.39
N SER A 138 5.89 9.84 8.34
CA SER A 138 6.99 8.91 8.62
C SER A 138 7.23 7.89 7.50
N PHE A 139 6.17 7.51 6.80
CA PHE A 139 6.26 6.53 5.70
C PHE A 139 6.24 7.17 4.31
N GLY A 140 5.38 8.17 4.14
CA GLY A 140 5.18 8.81 2.83
C GLY A 140 6.30 9.73 2.38
N GLY A 141 6.97 10.37 3.34
CA GLY A 141 8.06 11.28 3.03
C GLY A 141 7.57 12.61 2.46
N ASP A 142 7.84 12.84 1.17
CA ASP A 142 7.42 14.06 0.48
C ASP A 142 6.12 13.87 -0.32
N SER A 143 5.43 12.75 -0.08
CA SER A 143 4.20 12.44 -0.80
C SER A 143 3.09 13.41 -0.39
N PRO A 144 2.34 13.94 -1.39
CA PRO A 144 1.26 14.87 -1.07
C PRO A 144 0.06 14.19 -0.43
N VAL A 145 -0.69 14.95 0.36
CA VAL A 145 -1.84 14.43 1.11
C VAL A 145 -3.08 15.28 0.81
N LEU A 146 -4.20 14.59 0.55
CA LEU A 146 -5.49 15.25 0.39
C LEU A 146 -6.43 14.77 1.50
N VAL A 147 -6.88 15.70 2.34
CA VAL A 147 -7.72 15.36 3.48
C VAL A 147 -9.20 15.45 3.09
N ALA A 148 -9.92 14.35 3.30
CA ALA A 148 -11.35 14.28 3.01
C ALA A 148 -12.16 14.19 4.31
N LEU A 149 -12.94 15.24 4.59
CA LEU A 149 -13.82 15.26 5.76
C LEU A 149 -15.17 14.66 5.37
N ASN A 150 -15.29 13.34 5.52
CA ASN A 150 -16.48 12.61 5.08
C ASN A 150 -17.61 12.67 6.11
N LYS A 151 -18.82 12.38 5.64
CA LYS A 151 -20.03 12.30 6.48
C LYS A 151 -20.45 13.64 7.08
N ILE A 152 -20.48 14.68 6.25
CA ILE A 152 -20.97 16.00 6.67
C ILE A 152 -22.49 16.04 6.76
N ASP A 153 -23.16 15.09 6.10
CA ASP A 153 -24.62 14.95 6.20
C ASP A 153 -25.05 14.50 7.60
N GLU A 154 -24.21 13.70 8.25
CA GLU A 154 -24.45 13.26 9.64
C GLU A 154 -23.99 14.31 10.65
N ASN A 155 -22.99 15.10 10.29
CA ASN A 155 -22.47 16.16 11.16
C ASN A 155 -21.95 17.35 10.34
N PRO A 156 -22.84 18.30 10.02
CA PRO A 156 -22.49 19.49 9.22
C PRO A 156 -21.40 20.37 9.83
N SER A 157 -21.38 20.47 11.16
CA SER A 157 -20.44 21.37 11.87
C SER A 157 -19.00 20.84 11.93
N PHE A 158 -18.77 19.63 11.45
CA PHE A 158 -17.44 19.00 11.51
C PHE A 158 -16.41 19.80 10.70
N GLU A 159 -15.40 20.31 11.40
CA GLU A 159 -14.31 21.07 10.78
C GLU A 159 -12.99 20.81 11.49
N LEU A 160 -11.90 21.28 10.88
CA LEU A 160 -10.55 21.16 11.44
C LEU A 160 -9.84 22.51 11.43
N ASN A 161 -8.81 22.64 12.26
CA ASN A 161 -7.93 23.81 12.22
C ASN A 161 -6.98 23.69 11.03
N ARG A 162 -7.45 24.13 9.87
CA ARG A 162 -6.77 23.90 8.59
C ARG A 162 -5.45 24.64 8.45
N LYS A 163 -5.44 25.92 8.86
CA LYS A 163 -4.24 26.74 8.78
C LYS A 163 -3.09 26.16 9.61
N PHE A 164 -3.43 25.62 10.78
CA PHE A 164 -2.46 24.98 11.65
C PHE A 164 -1.88 23.71 11.03
N LEU A 165 -2.77 22.88 10.46
CA LEU A 165 -2.37 21.57 9.94
C LEU A 165 -1.53 21.65 8.67
N GLN A 166 -1.94 22.48 7.72
CA GLN A 166 -1.23 22.59 6.43
C GLN A 166 0.16 23.22 6.59
N GLU A 167 0.32 24.08 7.60
CA GLU A 167 1.62 24.69 7.89
C GLU A 167 2.55 23.70 8.59
N LYS A 168 2.02 22.99 9.58
CA LYS A 168 2.78 21.96 10.29
C LYS A 168 3.11 20.77 9.38
N TYR A 169 2.19 20.47 8.47
CA TYR A 169 2.37 19.39 7.50
C TYR A 169 2.24 19.92 6.07
N PRO A 170 3.35 20.42 5.48
CA PRO A 170 3.36 20.98 4.12
C PRO A 170 2.85 20.04 3.03
N SER A 171 2.89 18.73 3.29
CA SER A 171 2.41 17.73 2.33
C SER A 171 0.89 17.85 2.05
N ILE A 172 0.14 18.44 2.99
CA ILE A 172 -1.29 18.64 2.79
C ILE A 172 -1.54 19.69 1.71
N LYS A 173 -2.23 19.27 0.64
CA LYS A 173 -2.52 20.15 -0.50
C LYS A 173 -3.94 20.72 -0.49
N GLY A 174 -4.83 20.14 0.31
CA GLY A 174 -6.19 20.64 0.41
C GLY A 174 -7.09 19.86 1.35
N PHE A 175 -8.10 20.55 1.88
CA PHE A 175 -9.14 19.94 2.73
C PHE A 175 -10.46 19.98 1.99
N PHE A 176 -11.26 18.92 2.13
CA PHE A 176 -12.51 18.80 1.39
C PHE A 176 -13.63 18.17 2.22
N ARG A 177 -14.66 18.96 2.51
CA ARG A 177 -15.87 18.47 3.16
C ARG A 177 -16.72 17.75 2.13
N ILE A 178 -16.94 16.46 2.34
CA ILE A 178 -17.69 15.64 1.38
C ILE A 178 -18.73 14.76 2.05
N SER A 179 -19.64 14.24 1.23
CA SER A 179 -20.63 13.25 1.65
C SER A 179 -20.78 12.21 0.55
N CYS A 180 -20.30 10.99 0.81
CA CYS A 180 -20.40 9.90 -0.16
C CYS A 180 -21.86 9.43 -0.34
N LYS A 181 -22.68 9.63 0.69
CA LYS A 181 -24.09 9.27 0.63
C LYS A 181 -24.86 10.20 -0.30
N GLU A 182 -24.76 11.50 -0.05
CA GLU A 182 -25.48 12.51 -0.82
C GLU A 182 -24.73 12.98 -2.07
N ASP A 183 -23.50 12.49 -2.26
CA ASP A 183 -22.66 12.83 -3.41
C ASP A 183 -22.35 14.33 -3.47
N ARG A 184 -21.95 14.89 -2.33
CA ARG A 184 -21.56 16.30 -2.23
C ARG A 184 -20.05 16.45 -2.11
N GLY A 185 -19.48 17.35 -2.90
CA GLY A 185 -18.05 17.68 -2.81
C GLY A 185 -17.10 16.72 -3.51
N ILE A 186 -17.65 15.72 -4.21
CA ILE A 186 -16.83 14.72 -4.90
C ILE A 186 -16.22 15.31 -6.17
N GLU A 187 -17.03 16.06 -6.92
CA GLU A 187 -16.56 16.72 -8.15
C GLU A 187 -15.39 17.66 -7.88
N GLY A 188 -15.50 18.45 -6.81
CA GLY A 188 -14.43 19.36 -6.40
C GLY A 188 -13.19 18.63 -5.92
N PHE A 189 -13.40 17.55 -5.17
CA PHE A 189 -12.31 16.71 -4.69
C PHE A 189 -11.60 15.99 -5.83
N SER A 190 -12.39 15.49 -6.78
CA SER A 190 -11.86 14.76 -7.94
C SER A 190 -11.00 15.65 -8.84
N GLN A 191 -11.40 16.91 -8.99
CA GLN A 191 -10.64 17.89 -9.78
C GLN A 191 -9.28 18.19 -9.15
N LYS A 192 -9.25 18.34 -7.83
CA LYS A 192 -8.00 18.57 -7.10
C LYS A 192 -7.10 17.33 -7.12
N LEU A 193 -7.71 16.14 -7.08
CA LEU A 193 -6.96 14.89 -7.15
C LEU A 193 -6.24 14.77 -8.48
N LYS A 194 -6.98 14.97 -9.57
CA LYS A 194 -6.40 14.94 -10.93
C LYS A 194 -5.26 15.94 -11.08
N LYS A 195 -5.44 17.14 -10.51
CA LYS A 195 -4.45 18.21 -10.63
C LYS A 195 -3.17 17.88 -9.86
N GLU A 196 -3.32 17.40 -8.64
CA GLU A 196 -2.18 17.05 -7.79
C GLU A 196 -1.47 15.77 -8.24
N LEU A 197 -2.21 14.87 -8.88
CA LEU A 197 -1.62 13.65 -9.45
C LEU A 197 -0.62 13.94 -10.56
N LEU A 198 -0.91 14.97 -11.36
CA LEU A 198 -0.01 15.42 -12.43
C LEU A 198 1.27 16.06 -11.89
N LYS A 199 1.18 16.64 -10.70
CA LYS A 199 2.30 17.41 -10.13
C LYS A 199 3.26 16.59 -9.25
N VAL A 200 3.03 15.28 -9.14
CA VAL A 200 3.94 14.43 -8.35
C VAL A 200 5.31 14.35 -9.01
N GLU A 201 6.36 14.23 -8.21
CA GLU A 201 7.74 14.37 -8.69
C GLU A 201 8.14 13.35 -9.75
N HIS A 202 7.66 12.11 -9.61
CA HIS A 202 8.05 11.04 -10.54
C HIS A 202 7.10 10.89 -11.74
N MET A 203 6.26 11.89 -11.96
CA MET A 203 5.38 11.92 -13.14
C MET A 203 6.19 12.35 -14.37
N GLN A 204 7.12 13.27 -14.17
CA GLN A 204 7.99 13.77 -15.24
C GLN A 204 9.15 12.82 -15.55
N ILE A 205 9.45 11.90 -14.64
CA ILE A 205 10.53 10.92 -14.83
C ILE A 205 10.15 9.95 -15.95
N GLU A 206 11.16 9.57 -16.75
CA GLU A 206 10.96 8.71 -17.92
C GLU A 206 11.86 7.48 -17.88
N TRP A 207 11.36 6.39 -18.46
CA TRP A 207 11.98 5.07 -18.39
C TRP A 207 12.40 4.55 -19.76
N ALA A 208 13.33 3.60 -19.77
CA ALA A 208 13.68 2.86 -20.97
C ALA A 208 12.61 1.81 -21.24
N LYS A 209 12.60 1.27 -22.47
CA LYS A 209 11.61 0.27 -22.87
C LYS A 209 11.73 -1.02 -22.06
N SER A 210 12.95 -1.41 -21.74
CA SER A 210 13.22 -2.64 -20.99
C SER A 210 12.60 -2.61 -19.58
N TRP A 211 12.59 -1.44 -18.95
CA TRP A 211 12.03 -1.28 -17.61
C TRP A 211 10.52 -1.51 -17.59
N PHE A 212 9.83 -1.08 -18.65
CA PHE A 212 8.40 -1.34 -18.82
C PHE A 212 8.12 -2.81 -19.08
N GLU A 213 9.01 -3.48 -19.80
CA GLU A 213 8.87 -4.90 -20.10
C GLU A 213 9.03 -5.75 -18.84
N VAL A 214 9.99 -5.37 -17.99
CA VAL A 214 10.16 -6.00 -16.67
C VAL A 214 8.91 -5.78 -15.82
N LYS A 215 8.40 -4.54 -15.85
CA LYS A 215 7.22 -4.17 -15.08
C LYS A 215 5.99 -4.99 -15.49
N THR A 216 5.69 -4.98 -16.79
CA THR A 216 4.52 -5.69 -17.33
C THR A 216 4.62 -7.21 -17.18
N LYS A 217 5.86 -7.72 -17.19
CA LYS A 217 6.10 -9.15 -16.95
C LYS A 217 5.67 -9.53 -15.54
N LEU A 218 6.08 -8.72 -14.56
CA LEU A 218 5.75 -8.94 -13.15
C LEU A 218 4.25 -8.82 -12.87
N GLU A 219 3.58 -7.90 -13.57
CA GLU A 219 2.15 -7.66 -13.38
C GLU A 219 1.30 -8.87 -13.80
N LYS A 220 1.65 -9.48 -14.92
CA LYS A 220 0.91 -10.64 -15.43
C LYS A 220 1.26 -11.95 -14.72
N MET A 221 2.34 -11.96 -13.94
CA MET A 221 2.71 -13.13 -13.15
C MET A 221 1.72 -13.36 -12.00
N SER A 222 1.36 -14.62 -11.79
CA SER A 222 0.36 -15.01 -10.78
C SER A 222 0.99 -15.60 -9.52
N CYS A 223 2.31 -15.54 -9.41
CA CYS A 223 3.02 -16.07 -8.25
C CYS A 223 2.79 -15.18 -7.02
N ASN A 224 2.87 -15.79 -5.84
CA ASN A 224 2.75 -15.05 -4.59
C ASN A 224 3.94 -14.13 -4.37
N PHE A 225 5.13 -14.66 -4.63
CA PHE A 225 6.36 -13.89 -4.54
C PHE A 225 7.46 -14.49 -5.42
N ILE A 226 8.57 -13.78 -5.54
CA ILE A 226 9.75 -14.28 -6.23
C ILE A 226 11.01 -13.92 -5.45
N THR A 227 12.02 -14.78 -5.55
CA THR A 227 13.31 -14.52 -4.88
C THR A 227 14.12 -13.50 -5.68
N TYR A 228 15.17 -12.97 -5.06
CA TYR A 228 15.99 -11.92 -5.66
C TYR A 228 16.81 -12.43 -6.84
N GLU A 229 17.07 -13.74 -6.85
CA GLU A 229 17.72 -14.41 -7.98
C GLU A 229 16.80 -14.42 -9.20
N GLU A 230 15.53 -14.72 -8.96
CA GLU A 230 14.52 -14.80 -10.03
C GLU A 230 14.26 -13.44 -10.66
N TYR A 231 14.28 -12.39 -9.85
CA TYR A 231 14.10 -11.02 -10.34
C TYR A 231 15.26 -10.62 -11.25
N ARG A 232 16.49 -10.92 -10.83
CA ARG A 232 17.68 -10.59 -11.63
C ARG A 232 17.71 -11.36 -12.96
N ASN A 233 17.16 -12.57 -12.97
CA ASN A 233 17.02 -13.35 -14.21
C ASN A 233 15.99 -12.73 -15.15
N ILE A 234 14.86 -12.27 -14.61
CA ILE A 234 13.83 -11.58 -15.39
C ILE A 234 14.39 -10.29 -15.99
N CYS A 235 15.23 -9.60 -15.21
CA CYS A 235 15.93 -8.40 -15.68
C CYS A 235 16.94 -8.74 -16.78
N LEU A 236 17.69 -9.81 -16.57
CA LEU A 236 18.65 -10.28 -17.59
C LEU A 236 17.97 -10.57 -18.89
N GLU A 237 16.80 -11.18 -18.79
CA GLU A 237 16.01 -11.53 -19.97
C GLU A 237 15.75 -10.30 -20.79
N GLU A 238 15.40 -9.23 -20.10
CA GLU A 238 15.23 -7.93 -20.71
C GLU A 238 16.60 -7.26 -20.81
N ASN A 239 16.64 -6.09 -21.42
CA ASN A 239 17.91 -5.44 -21.73
C ASN A 239 18.77 -5.11 -20.51
N VAL A 240 18.14 -4.83 -19.38
CA VAL A 240 18.86 -4.38 -18.21
C VAL A 240 19.48 -5.54 -17.47
N GLY A 241 20.80 -5.55 -17.41
CA GLY A 241 21.55 -6.57 -16.72
C GLY A 241 22.53 -6.09 -15.67
N ASP A 242 22.61 -4.78 -15.46
CA ASP A 242 23.58 -4.27 -14.51
C ASP A 242 22.89 -3.99 -13.20
N LYS A 243 23.55 -4.30 -12.11
CA LYS A 243 22.90 -4.28 -10.82
C LYS A 243 22.42 -2.89 -10.49
N SER A 244 23.25 -1.88 -10.72
CA SER A 244 22.82 -0.53 -10.37
C SER A 244 21.41 -0.18 -10.89
N SER A 245 21.17 -0.49 -12.16
CA SER A 245 19.88 -0.21 -12.79
C SER A 245 18.77 -1.11 -12.24
N GLN A 246 19.13 -2.35 -11.91
CA GLN A 246 18.19 -3.32 -11.33
C GLN A 246 17.65 -2.86 -9.97
N ASN A 247 18.52 -2.28 -9.14
CA ASN A 247 18.15 -1.82 -7.80
C ASN A 247 17.31 -0.54 -7.80
N THR A 248 17.54 0.32 -8.79
CA THR A 248 16.72 1.53 -8.96
C THR A 248 15.31 1.16 -9.39
N LEU A 249 15.20 0.08 -10.16
CA LEU A 249 13.91 -0.36 -10.70
C LEU A 249 12.98 -0.94 -9.63
N VAL A 250 13.53 -1.74 -8.70
CA VAL A 250 12.73 -2.31 -7.60
C VAL A 250 12.19 -1.24 -6.66
N ASP A 251 12.99 -0.20 -6.43
CA ASP A 251 12.56 0.93 -5.60
C ASP A 251 11.34 1.62 -6.20
N PHE A 252 11.33 1.78 -7.52
CA PHE A 252 10.18 2.30 -8.24
C PHE A 252 9.00 1.33 -8.17
N LEU A 253 9.25 0.08 -8.57
CA LEU A 253 8.22 -0.97 -8.57
C LEU A 253 7.56 -1.15 -7.21
N ASN A 254 8.34 -0.99 -6.15
CA ASN A 254 7.81 -1.02 -4.78
C ASN A 254 6.87 0.16 -4.53
N ASP A 255 7.31 1.35 -4.91
CA ASP A 255 6.52 2.58 -4.74
C ASP A 255 5.28 2.60 -5.64
N LEU A 256 5.38 2.01 -6.83
CA LEU A 256 4.25 1.91 -7.75
C LEU A 256 3.23 0.86 -7.32
N GLY A 257 3.66 -0.07 -6.46
CA GLY A 257 2.76 -1.11 -5.95
C GLY A 257 2.75 -2.37 -6.79
N VAL A 258 3.71 -2.50 -7.70
CA VAL A 258 3.83 -3.69 -8.54
C VAL A 258 4.34 -4.85 -7.68
N ILE A 259 5.30 -4.55 -6.82
CA ILE A 259 5.81 -5.49 -5.82
C ILE A 259 5.78 -4.85 -4.43
N VAL A 260 5.99 -5.68 -3.42
CA VAL A 260 6.20 -5.19 -2.06
C VAL A 260 7.58 -5.67 -1.62
N HIS A 261 8.50 -4.71 -1.46
CA HIS A 261 9.92 -5.02 -1.24
C HIS A 261 10.51 -4.10 -0.17
N PHE A 262 11.40 -4.67 0.64
CA PHE A 262 12.14 -3.92 1.66
C PHE A 262 13.63 -4.19 1.52
N LYS A 263 14.44 -3.19 1.87
CA LYS A 263 15.89 -3.26 1.67
C LYS A 263 16.66 -3.73 2.90
N ASP A 264 15.94 -4.22 3.93
CA ASP A 264 16.57 -4.83 5.09
C ASP A 264 17.16 -6.20 4.69
N ILE A 265 18.30 -6.55 5.26
CA ILE A 265 19.01 -7.78 4.87
C ILE A 265 18.23 -9.06 5.13
N SER A 266 17.36 -9.04 6.15
CA SER A 266 16.51 -10.18 6.47
C SER A 266 15.22 -10.23 5.64
N LEU A 267 14.92 -9.14 4.95
CA LEU A 267 13.68 -9.02 4.15
C LEU A 267 13.90 -8.93 2.64
N LEU A 268 15.11 -8.57 2.20
CA LEU A 268 15.34 -8.19 0.80
C LEU A 268 15.20 -9.32 -0.23
N ASP A 269 15.27 -10.57 0.22
CA ASP A 269 15.16 -11.70 -0.70
C ASP A 269 13.74 -11.85 -1.25
N THR A 270 12.74 -11.63 -0.41
CA THR A 270 11.34 -11.82 -0.79
C THR A 270 10.77 -10.61 -1.54
N HIS A 271 10.38 -10.83 -2.80
CA HIS A 271 9.69 -9.82 -3.60
C HIS A 271 8.24 -10.24 -3.78
N VAL A 272 7.36 -9.71 -2.93
CA VAL A 272 5.96 -10.13 -2.90
C VAL A 272 5.17 -9.50 -4.06
N LEU A 273 4.49 -10.36 -4.82
CA LEU A 273 3.63 -9.92 -5.93
C LEU A 273 2.16 -9.86 -5.52
N GLU A 274 1.77 -10.72 -4.59
CA GLU A 274 0.40 -10.75 -4.06
C GLU A 274 0.37 -10.25 -2.62
N PRO A 275 -0.17 -9.03 -2.39
CA PRO A 275 -0.27 -8.47 -1.03
C PRO A 275 -1.01 -9.35 -0.02
N LYS A 276 -1.99 -10.11 -0.48
CA LYS A 276 -2.77 -11.00 0.39
C LYS A 276 -1.93 -12.12 1.01
N TRP A 277 -0.85 -12.50 0.33
CA TRP A 277 0.09 -13.51 0.83
C TRP A 277 0.67 -13.10 2.19
N ILE A 278 1.07 -11.84 2.30
CA ILE A 278 1.67 -11.33 3.53
C ILE A 278 0.61 -11.28 4.65
N THR A 279 -0.48 -10.58 4.36
CA THR A 279 -1.50 -10.30 5.37
C THR A 279 -2.13 -11.57 5.95
N GLU A 280 -2.51 -12.50 5.07
CA GLU A 280 -3.12 -13.76 5.51
C GLU A 280 -2.16 -14.61 6.35
N GLY A 281 -0.86 -14.49 6.07
CA GLY A 281 0.16 -15.14 6.88
C GLY A 281 0.27 -14.53 8.27
N VAL A 282 0.17 -13.21 8.34
CA VAL A 282 0.22 -12.49 9.62
C VAL A 282 -1.05 -12.73 10.44
N TYR A 283 -2.21 -12.74 9.79
CA TYR A 283 -3.48 -12.97 10.48
C TYR A 283 -3.59 -14.38 11.04
N LYS A 284 -3.01 -15.35 10.33
CA LYS A 284 -2.93 -16.73 10.83
C LYS A 284 -2.19 -16.80 12.17
N ILE A 285 -1.14 -16.01 12.29
CA ILE A 285 -0.36 -15.93 13.54
C ILE A 285 -1.17 -15.22 14.62
N ILE A 286 -1.72 -14.06 14.29
CA ILE A 286 -2.47 -13.25 15.25
C ILE A 286 -3.71 -13.99 15.76
N ASN A 287 -4.43 -14.64 14.84
CA ASN A 287 -5.65 -15.39 15.18
C ASN A 287 -5.40 -16.90 15.40
N SER A 288 -4.17 -17.27 15.75
CA SER A 288 -3.84 -18.65 16.06
C SER A 288 -4.44 -19.05 17.41
N GLU A 289 -5.24 -20.12 17.40
CA GLU A 289 -5.84 -20.64 18.64
C GLU A 289 -4.81 -21.28 19.55
N ILE A 290 -3.75 -21.84 18.95
CA ILE A 290 -2.65 -22.44 19.71
C ILE A 290 -1.80 -21.35 20.37
N LEU A 291 -1.72 -20.19 19.72
CA LEU A 291 -0.98 -19.04 20.26
C LEU A 291 -1.83 -18.24 21.26
N ALA A 292 -3.14 -18.39 21.20
CA ALA A 292 -4.06 -17.75 22.15
C ALA A 292 -3.71 -18.22 23.57
N LYS A 293 -3.67 -19.53 23.74
CA LYS A 293 -3.10 -20.13 24.94
C LYS A 293 -1.58 -19.98 24.91
N LYS A 294 -0.96 -20.04 26.08
CA LYS A 294 0.48 -19.72 26.26
C LYS A 294 0.73 -18.21 26.35
N LYS A 295 -0.34 -17.42 26.38
CA LYS A 295 -0.26 -15.96 26.53
C LYS A 295 0.52 -15.26 25.41
N GLY A 296 0.46 -15.82 24.20
CA GLY A 296 1.06 -15.20 23.02
C GLY A 296 2.58 -15.24 22.96
N VAL A 297 3.16 -16.38 23.36
CA VAL A 297 4.60 -16.62 23.18
C VAL A 297 4.79 -17.49 21.93
N LEU A 298 5.46 -16.94 20.92
CA LEU A 298 5.58 -17.61 19.63
C LEU A 298 6.99 -18.16 19.41
N ARG A 299 7.16 -19.45 19.66
CA ARG A 299 8.39 -20.16 19.31
C ARG A 299 8.31 -20.53 17.83
N PHE A 300 9.45 -20.44 17.15
CA PHE A 300 9.47 -20.63 15.69
C PHE A 300 9.21 -22.07 15.25
N SER A 301 9.25 -23.00 16.19
CA SER A 301 8.84 -24.38 15.95
C SER A 301 7.31 -24.48 15.75
N MET A 302 6.58 -23.51 16.29
CA MET A 302 5.10 -23.51 16.21
C MET A 302 4.58 -23.08 14.84
N LEU A 303 5.41 -22.38 14.07
CA LEU A 303 4.99 -21.83 12.76
C LEU A 303 4.60 -22.89 11.74
N ASP A 304 5.12 -24.10 11.89
CA ASP A 304 4.77 -25.21 10.99
C ASP A 304 3.28 -25.55 11.07
N GLU A 305 2.76 -25.64 12.29
CA GLU A 305 1.35 -25.95 12.53
C GLU A 305 0.44 -24.78 12.13
N ILE A 306 0.90 -23.56 12.40
CA ILE A 306 0.10 -22.35 12.14
C ILE A 306 0.00 -22.07 10.64
N LEU A 307 1.14 -22.09 9.95
CA LEU A 307 1.21 -21.77 8.53
C LEU A 307 1.04 -22.98 7.60
N GLU A 308 0.64 -24.13 8.16
CA GLU A 308 0.38 -25.31 7.35
C GLU A 308 -0.86 -25.09 6.48
N GLN A 309 -0.85 -25.70 5.30
CA GLN A 309 -1.99 -25.61 4.38
C GLN A 309 -3.11 -26.52 4.86
N LYS A 310 -4.14 -25.92 5.46
CA LYS A 310 -5.29 -26.66 5.96
C LYS A 310 -6.20 -27.10 4.81
N LYS A 311 -6.87 -26.14 4.19
CA LYS A 311 -7.78 -26.42 3.07
C LYS A 311 -8.34 -25.15 2.44
N GLU A 312 -8.86 -25.30 1.22
CA GLU A 312 -9.58 -24.22 0.51
C GLU A 312 -8.68 -23.05 0.12
N GLY A 313 -7.63 -23.36 -0.62
CA GLY A 313 -6.75 -22.33 -1.18
C GLY A 313 -5.99 -21.50 -0.16
N ASP A 314 -5.46 -22.16 0.87
CA ASP A 314 -4.55 -21.52 1.82
C ASP A 314 -3.23 -21.28 1.10
N TYR A 315 -2.61 -20.13 1.35
CA TYR A 315 -1.34 -19.80 0.71
C TYR A 315 -0.22 -20.67 1.26
N TYR A 316 0.69 -21.09 0.38
CA TYR A 316 1.86 -21.87 0.78
C TYR A 316 2.93 -20.94 1.33
N TYR A 317 3.41 -21.26 2.53
CA TYR A 317 4.47 -20.49 3.18
C TYR A 317 5.70 -21.37 3.40
N PRO A 318 6.70 -21.25 2.52
CA PRO A 318 7.94 -22.02 2.69
C PRO A 318 8.65 -21.69 4.02
N PRO A 319 9.29 -22.69 4.63
CA PRO A 319 10.06 -22.48 5.87
C PRO A 319 11.08 -21.33 5.78
N GLU A 320 11.69 -21.15 4.60
CA GLU A 320 12.65 -20.06 4.39
C GLU A 320 12.03 -18.67 4.46
N ARG A 321 10.71 -18.57 4.30
CA ARG A 321 9.99 -17.30 4.41
C ARG A 321 9.41 -17.06 5.82
N TYR A 322 9.69 -17.97 6.75
CA TYR A 322 9.29 -17.79 8.15
C TYR A 322 10.04 -16.60 8.75
N GLY A 323 11.32 -16.49 8.43
CA GLY A 323 12.15 -15.37 8.85
C GLY A 323 11.64 -14.05 8.29
N TYR A 324 11.21 -14.06 7.04
CA TYR A 324 10.65 -12.87 6.41
C TYR A 324 9.43 -12.35 7.17
N ILE A 325 8.46 -13.23 7.41
CA ILE A 325 7.20 -12.85 8.06
C ILE A 325 7.44 -12.36 9.49
N ILE A 326 8.28 -13.06 10.24
CA ILE A 326 8.58 -12.71 11.63
C ILE A 326 9.33 -11.38 11.71
N ASN A 327 10.38 -11.23 10.91
CA ASN A 327 11.16 -9.99 10.88
C ASN A 327 10.36 -8.80 10.33
N LEU A 328 9.45 -9.09 9.42
CA LEU A 328 8.54 -8.08 8.87
C LEU A 328 7.59 -7.58 9.96
N MET A 329 7.05 -8.51 10.74
CA MET A 329 6.18 -8.17 11.88
C MET A 329 6.95 -7.42 12.98
N LYS A 330 8.21 -7.82 13.19
CA LYS A 330 9.10 -7.11 14.13
C LYS A 330 9.36 -5.67 13.71
N LYS A 331 9.55 -5.47 12.41
CA LYS A 331 9.89 -4.16 11.85
C LYS A 331 8.86 -3.10 12.19
N PHE A 332 7.58 -3.44 12.00
CA PHE A 332 6.47 -2.50 12.21
C PHE A 332 5.81 -2.64 13.58
N GLU A 333 6.50 -3.28 14.52
CA GLU A 333 6.07 -3.37 15.93
C GLU A 333 4.74 -4.10 16.13
N LEU A 334 4.52 -5.15 15.35
CA LEU A 334 3.43 -6.10 15.59
C LEU A 334 3.98 -7.28 16.42
N CYS A 335 5.26 -7.23 16.74
CA CYS A 335 5.96 -8.32 17.40
C CYS A 335 7.16 -7.78 18.16
N TYR A 336 7.49 -8.42 19.28
CA TYR A 336 8.65 -8.03 20.10
C TYR A 336 9.45 -9.26 20.52
N SER A 337 10.76 -9.19 20.35
CA SER A 337 11.64 -10.34 20.61
C SER A 337 11.90 -10.52 22.10
N ILE A 338 11.73 -11.75 22.57
CA ILE A 338 12.10 -12.14 23.94
C ILE A 338 13.52 -12.69 23.92
N ASP A 339 13.75 -13.69 23.07
CA ASP A 339 15.08 -14.24 22.82
C ASP A 339 15.26 -14.46 21.30
N GLU A 340 16.34 -15.13 20.92
CA GLU A 340 16.66 -15.36 19.51
C GLU A 340 15.76 -16.40 18.82
N GLU A 341 15.01 -17.17 19.59
CA GLU A 341 14.13 -18.21 19.05
C GLU A 341 12.63 -17.96 19.32
N THR A 342 12.31 -16.90 20.06
CA THR A 342 10.91 -16.61 20.43
C THR A 342 10.58 -15.12 20.29
N VAL A 343 9.28 -14.84 20.13
CA VAL A 343 8.77 -13.47 20.06
C VAL A 343 7.43 -13.36 20.79
N LEU A 344 7.08 -12.13 21.19
CA LEU A 344 5.89 -11.87 22.00
C LEU A 344 4.78 -11.17 21.22
N LEU A 345 3.54 -11.55 21.51
CA LEU A 345 2.34 -10.88 21.01
C LEU A 345 1.61 -10.27 22.21
N PRO A 346 1.86 -8.98 22.50
CA PRO A 346 1.30 -8.32 23.70
C PRO A 346 -0.22 -8.41 23.85
N ASP A 347 -0.95 -8.40 22.75
CA ASP A 347 -2.42 -8.43 22.78
C ASP A 347 -2.98 -9.75 23.31
N LEU A 348 -2.27 -10.84 23.04
CA LEU A 348 -2.69 -12.18 23.49
C LEU A 348 -2.22 -12.50 24.91
N LEU A 349 -1.40 -11.62 25.49
CA LEU A 349 -0.87 -11.81 26.84
C LEU A 349 -1.95 -11.65 27.91
#